data_8SKK
#
_entry.id   8SKK
#
_cell.length_a   85.468
_cell.length_b   85.468
_cell.length_c   36.317
_cell.angle_alpha   90.000
_cell.angle_beta   90.000
_cell.angle_gamma   120.000
#
_symmetry.space_group_name_H-M   'P 61'
#
loop_
_entity.id
_entity.type
_entity.pdbx_description
1 polymer 'Evasin P1243'
2 polymer 'C-C motif chemokine 17'
3 water water
#
loop_
_entity_poly.entity_id
_entity_poly.type
_entity_poly.pdbx_seq_one_letter_code
_entity_poly.pdbx_strand_id
1 'polypeptide(L)'
;GSTSARNHTEDNSTEYYDYEEARCACPARHLNNTNGTVLKPLGCHYFCNGTLCTAPDGYPCYNLTAQQVRTLTTYPNTSC
AVGVCMKGTCVKNGTMEQCFKTP
;
A
2 'polypeptide(L)' ARGTNVGRECCLEYFKGAIPLRKLKTWYQTSEDCSRDAIVFVTVQGRAICSDPNNKRVKNAVKYLQSLERS B
#
# COMPACT_ATOMS: atom_id res chain seq x y z
N ASN A 12 -14.76 -13.07 20.99
CA ASN A 12 -13.77 -13.39 22.00
C ASN A 12 -13.40 -12.14 22.77
N SER A 13 -13.89 -12.05 24.01
CA SER A 13 -13.59 -10.91 24.86
C SER A 13 -12.14 -10.87 25.29
N THR A 14 -11.42 -11.99 25.19
CA THR A 14 -10.04 -12.05 25.63
C THR A 14 -9.05 -11.83 24.51
N GLU A 15 -9.52 -11.51 23.31
CA GLU A 15 -8.64 -11.39 22.15
C GLU A 15 -9.00 -10.13 21.38
N TYR A 16 -7.98 -9.35 21.01
CA TYR A 16 -8.19 -8.05 20.37
C TYR A 16 -7.18 -7.90 19.23
N TYR A 17 -7.61 -8.19 18.01
CA TYR A 17 -6.68 -8.12 16.90
C TYR A 17 -6.62 -6.77 16.21
N ASP A 18 -7.50 -5.80 16.55
CA ASP A 18 -7.73 -4.63 15.70
C ASP A 18 -6.49 -3.75 15.74
N TYR A 19 -5.81 -3.72 16.89
CA TYR A 19 -4.64 -2.86 17.03
C TYR A 19 -3.52 -3.29 16.10
N GLU A 20 -3.31 -4.60 15.98
CA GLU A 20 -2.30 -5.10 15.05
C GLU A 20 -2.65 -4.73 13.62
N GLU A 21 -3.93 -4.86 13.25
CA GLU A 21 -4.35 -4.51 11.90
C GLU A 21 -4.27 -3.02 11.65
N ALA A 22 -4.72 -2.21 12.63
CA ALA A 22 -4.67 -0.76 12.49
C ALA A 22 -3.24 -0.28 12.33
N ARG A 23 -2.30 -0.90 13.04
CA ARG A 23 -0.89 -0.54 12.89
C ARG A 23 -0.39 -0.78 11.48
N CYS A 24 -1.02 -1.66 10.72
CA CYS A 24 -0.51 -2.01 9.40
C CYS A 24 -1.34 -1.42 8.25
N ALA A 25 -2.23 -0.48 8.56
CA ALA A 25 -3.08 0.13 7.53
C ALA A 25 -2.48 1.42 6.99
N CYS A 26 -1.18 1.46 6.72
CA CYS A 26 -0.53 2.62 6.12
C CYS A 26 -0.07 2.28 4.71
N PRO A 27 0.04 3.25 3.81
CA PRO A 27 0.52 2.92 2.46
C PRO A 27 2.00 2.56 2.47
N ALA A 28 2.39 1.73 1.51
CA ALA A 28 3.75 1.23 1.41
C ALA A 28 4.26 1.48 0.00
N ARG A 29 5.57 1.66 -0.11
CA ARG A 29 6.17 1.96 -1.41
C ARG A 29 5.98 0.79 -2.37
N HIS A 30 5.55 1.09 -3.60
CA HIS A 30 5.42 0.12 -4.66
C HIS A 30 6.31 0.53 -5.82
N LEU A 31 6.76 -0.45 -6.59
CA LEU A 31 7.55 -0.18 -7.78
C LEU A 31 6.66 -0.11 -9.02
N ASN A 32 7.08 0.70 -10.00
CA ASN A 32 6.34 0.85 -11.24
C ASN A 32 6.82 -0.17 -12.27
N ASN A 33 6.08 -0.25 -13.39
CA ASN A 33 6.42 -1.18 -14.46
C ASN A 33 5.95 -0.56 -15.79
N THR A 34 6.32 -1.21 -16.93
CA THR A 34 6.03 -0.63 -18.25
C THR A 34 4.85 -1.27 -18.99
N ASN A 35 4.29 -2.38 -18.54
CA ASN A 35 3.24 -3.05 -19.30
C ASN A 35 1.85 -2.87 -18.71
N GLY A 36 1.63 -1.80 -17.95
CA GLY A 36 0.29 -1.46 -17.50
C GLY A 36 -0.36 -2.41 -16.51
N THR A 37 0.42 -3.20 -15.78
CA THR A 37 -0.11 -4.03 -14.69
C THR A 37 -0.02 -3.28 -13.36
N VAL A 38 -0.60 -3.89 -12.32
CA VAL A 38 -0.70 -3.21 -11.04
C VAL A 38 0.69 -2.93 -10.48
N LEU A 39 0.80 -1.85 -9.70
CA LEU A 39 2.03 -1.61 -8.97
C LEU A 39 2.25 -2.71 -7.94
N LYS A 40 3.52 -3.01 -7.66
CA LYS A 40 3.83 -4.14 -6.79
C LYS A 40 4.99 -3.77 -5.88
N PRO A 41 4.93 -4.20 -4.62
CA PRO A 41 6.03 -3.91 -3.70
C PRO A 41 7.14 -4.95 -3.81
N LEU A 42 8.29 -4.57 -3.27
CA LEU A 42 9.43 -5.48 -3.15
C LEU A 42 9.13 -6.45 -2.00
N GLY A 43 8.97 -7.74 -2.32
CA GLY A 43 8.66 -8.70 -1.29
C GLY A 43 7.30 -8.44 -0.64
N CYS A 44 7.08 -9.12 0.49
CA CYS A 44 5.76 -9.12 1.13
C CYS A 44 5.76 -8.51 2.51
N HIS A 45 6.80 -7.79 2.89
CA HIS A 45 6.84 -7.13 4.19
C HIS A 45 6.96 -5.63 4.00
N TYR A 46 6.40 -4.87 4.94
CA TYR A 46 6.54 -3.42 4.92
C TYR A 46 6.49 -2.90 6.35
N PHE A 47 6.92 -1.66 6.51
CA PHE A 47 7.04 -1.02 7.81
C PHE A 47 6.07 0.16 7.86
N CYS A 48 5.23 0.20 8.89
CA CYS A 48 4.38 1.36 9.17
C CYS A 48 4.82 1.91 10.52
N ASN A 49 5.46 3.08 10.51
CA ASN A 49 5.87 3.73 11.76
C ASN A 49 6.69 2.76 12.63
N GLY A 50 7.64 2.07 11.99
CA GLY A 50 8.54 1.18 12.70
C GLY A 50 8.01 -0.24 12.90
N THR A 51 6.72 -0.46 12.71
CA THR A 51 6.12 -1.77 12.93
C THR A 51 6.25 -2.62 11.68
N LEU A 52 6.74 -3.85 11.86
CA LEU A 52 6.87 -4.80 10.76
C LEU A 52 5.51 -5.35 10.37
N CYS A 53 5.17 -5.24 9.09
CA CYS A 53 3.87 -5.67 8.57
C CYS A 53 4.04 -6.64 7.41
N THR A 54 3.05 -7.51 7.23
CA THR A 54 3.07 -8.55 6.21
C THR A 54 1.89 -8.34 5.27
N ALA A 55 2.16 -8.34 3.98
CA ALA A 55 1.09 -8.23 3.00
C ALA A 55 0.17 -9.44 3.09
N PRO A 56 -1.11 -9.26 2.83
CA PRO A 56 -2.04 -10.40 2.87
C PRO A 56 -1.73 -11.42 1.78
N ASP A 57 -2.10 -12.68 2.06
CA ASP A 57 -1.96 -13.74 1.07
C ASP A 57 -2.74 -13.40 -0.19
N GLY A 58 -2.11 -13.60 -1.35
CA GLY A 58 -2.72 -13.27 -2.63
C GLY A 58 -2.35 -11.92 -3.18
N TYR A 59 -1.68 -11.06 -2.38
CA TYR A 59 -1.25 -9.74 -2.83
C TYR A 59 -0.04 -9.85 -3.75
N PRO A 60 0.00 -9.08 -4.83
CA PRO A 60 1.12 -9.19 -5.77
C PRO A 60 2.39 -8.56 -5.24
N CYS A 61 3.52 -9.05 -5.77
CA CYS A 61 4.82 -8.66 -5.25
C CYS A 61 5.87 -8.90 -6.33
N TYR A 62 7.03 -8.28 -6.15
CA TYR A 62 8.24 -8.58 -6.88
C TYR A 62 9.17 -9.37 -5.96
N ASN A 63 9.80 -10.42 -6.50
CA ASN A 63 10.79 -11.19 -5.77
C ASN A 63 12.15 -10.97 -6.41
N LEU A 64 13.00 -10.23 -5.71
CA LEU A 64 14.35 -9.90 -6.13
C LEU A 64 15.34 -10.37 -5.07
N THR A 65 16.44 -10.98 -5.51
CA THR A 65 17.53 -11.27 -4.61
C THR A 65 18.19 -9.95 -4.16
N ALA A 66 19.10 -10.06 -3.19
CA ALA A 66 19.73 -8.85 -2.68
C ALA A 66 20.60 -8.20 -3.74
N GLN A 67 21.34 -9.01 -4.49
CA GLN A 67 22.09 -8.51 -5.65
C GLN A 67 21.19 -7.72 -6.60
N GLN A 68 20.07 -8.34 -6.99
CA GLN A 68 19.14 -7.70 -7.92
C GLN A 68 18.63 -6.36 -7.37
N VAL A 69 18.32 -6.30 -6.07
CA VAL A 69 17.76 -5.08 -5.50
C VAL A 69 18.72 -3.91 -5.70
N ARG A 70 20.03 -4.18 -5.63
CA ARG A 70 21.04 -3.14 -5.83
C ARG A 70 21.04 -2.60 -7.25
N THR A 71 20.54 -3.35 -8.22
CA THR A 71 20.55 -2.86 -9.58
C THR A 71 19.31 -2.04 -9.95
N LEU A 72 18.38 -1.85 -9.02
CA LEU A 72 17.17 -1.10 -9.35
C LEU A 72 17.47 0.38 -9.56
N THR A 73 16.85 0.94 -10.60
CA THR A 73 16.95 2.36 -10.91
C THR A 73 15.58 3.01 -11.03
N THR A 74 15.52 4.23 -11.53
CA THR A 74 14.27 4.87 -11.91
C THR A 74 13.92 4.65 -13.38
N TYR A 75 14.63 3.76 -14.07
CA TYR A 75 14.46 3.42 -15.47
C TYR A 75 14.08 1.94 -15.60
N PRO A 76 13.33 1.58 -16.64
CA PRO A 76 12.92 0.19 -16.85
C PRO A 76 14.03 -0.74 -17.36
N ASN A 77 15.17 -0.75 -16.66
CA ASN A 77 16.31 -1.55 -17.07
C ASN A 77 16.56 -2.71 -16.10
N THR A 78 15.52 -3.18 -15.42
CA THR A 78 15.64 -4.31 -14.51
C THR A 78 14.49 -5.27 -14.79
N SER A 79 14.81 -6.54 -14.94
CA SER A 79 13.79 -7.56 -15.15
C SER A 79 13.43 -8.16 -13.79
N CYS A 80 12.19 -7.94 -13.36
CA CYS A 80 11.76 -8.30 -12.00
C CYS A 80 10.79 -9.46 -12.07
N ALA A 81 11.04 -10.49 -11.26
CA ALA A 81 10.15 -11.64 -11.21
C ALA A 81 8.90 -11.28 -10.44
N VAL A 82 7.74 -11.43 -11.08
CA VAL A 82 6.46 -11.19 -10.42
C VAL A 82 6.15 -12.38 -9.52
N GLY A 83 5.49 -12.10 -8.40
CA GLY A 83 5.10 -13.14 -7.47
C GLY A 83 3.77 -12.80 -6.82
N VAL A 84 3.31 -13.71 -5.97
CA VAL A 84 2.12 -13.56 -5.17
C VAL A 84 2.47 -13.86 -3.72
N CYS A 85 1.99 -13.02 -2.80
CA CYS A 85 2.34 -13.19 -1.40
C CYS A 85 1.59 -14.39 -0.80
N MET A 86 2.30 -15.18 0.00
CA MET A 86 1.71 -16.31 0.72
C MET A 86 2.52 -16.49 1.99
N LYS A 87 1.90 -16.22 3.15
CA LYS A 87 2.56 -16.37 4.44
C LYS A 87 3.81 -15.51 4.53
N GLY A 88 3.78 -14.33 3.91
CA GLY A 88 4.93 -13.43 3.94
C GLY A 88 6.05 -13.77 2.99
N THR A 89 5.86 -14.74 2.09
CA THR A 89 6.84 -15.11 1.08
C THR A 89 6.33 -14.67 -0.28
N CYS A 90 7.18 -14.05 -1.09
CA CYS A 90 6.79 -13.66 -2.44
C CYS A 90 7.05 -14.86 -3.35
N VAL A 91 5.98 -15.59 -3.67
CA VAL A 91 6.08 -16.81 -4.47
C VAL A 91 6.04 -16.43 -5.95
N LYS A 92 7.14 -16.65 -6.66
CA LYS A 92 7.23 -16.26 -8.07
C LYS A 92 6.25 -17.07 -8.91
N ASN A 93 5.67 -16.42 -9.92
CA ASN A 93 4.67 -17.08 -10.77
C ASN A 93 5.08 -17.23 -12.22
N GLY A 94 6.32 -16.84 -12.59
CA GLY A 94 6.84 -17.03 -13.91
C GLY A 94 6.83 -15.80 -14.78
N THR A 95 5.98 -14.82 -14.46
CA THR A 95 5.93 -13.57 -15.23
C THR A 95 7.14 -12.72 -14.89
N MET A 96 7.77 -12.15 -15.91
CA MET A 96 8.81 -11.15 -15.73
C MET A 96 8.34 -9.84 -16.30
N GLU A 97 8.62 -8.74 -15.61
CA GLU A 97 8.32 -7.44 -16.16
C GLU A 97 9.41 -6.46 -15.74
N GLN A 98 9.56 -5.42 -16.53
CA GLN A 98 10.56 -4.39 -16.28
C GLN A 98 10.03 -3.45 -15.20
N CYS A 99 10.62 -3.50 -14.01
CA CYS A 99 10.16 -2.69 -12.89
C CYS A 99 11.22 -1.67 -12.51
N PHE A 100 10.77 -0.61 -11.82
CA PHE A 100 11.67 0.49 -11.48
C PHE A 100 11.07 1.34 -10.37
N LYS A 101 11.93 2.17 -9.77
CA LYS A 101 11.52 3.02 -8.67
C LYS A 101 10.89 4.31 -9.18
N THR A 102 9.88 4.74 -8.50
CA THR A 102 9.22 5.98 -8.89
C THR A 102 9.76 7.11 -8.06
N PRO A 103 10.24 8.19 -8.68
CA PRO A 103 10.76 9.35 -7.96
C PRO A 103 9.65 10.08 -7.21
N GLY B 7 1.86 6.97 -9.14
CA GLY B 7 1.79 6.95 -7.69
C GLY B 7 2.89 6.11 -7.09
N ARG B 8 3.43 6.54 -5.96
CA ARG B 8 4.52 5.80 -5.33
C ARG B 8 4.04 4.73 -4.37
N GLU B 9 2.87 4.91 -3.77
CA GLU B 9 2.46 4.08 -2.65
C GLU B 9 1.05 3.56 -2.82
N CYS B 10 0.85 2.33 -2.33
CA CYS B 10 -0.45 1.68 -2.34
C CYS B 10 -0.75 1.12 -0.96
N CYS B 11 -2.03 0.95 -0.70
CA CYS B 11 -2.53 0.38 0.53
C CYS B 11 -2.68 -1.12 0.36
N LEU B 12 -2.17 -1.87 1.34
CA LEU B 12 -2.34 -3.32 1.36
C LEU B 12 -3.46 -3.75 2.29
N GLU B 13 -3.83 -2.90 3.26
CA GLU B 13 -4.88 -3.19 4.22
C GLU B 13 -5.69 -1.92 4.48
N TYR B 14 -6.92 -2.11 4.96
CA TYR B 14 -7.81 -1.01 5.30
C TYR B 14 -7.89 -0.83 6.81
N PHE B 15 -7.83 0.43 7.24
CA PHE B 15 -8.08 0.79 8.64
C PHE B 15 -9.58 0.72 8.91
N LYS B 16 -9.98 -0.17 9.81
CA LYS B 16 -11.39 -0.36 10.12
C LYS B 16 -11.90 0.57 11.23
N GLY B 17 -11.00 1.29 11.91
CA GLY B 17 -11.41 2.09 13.06
C GLY B 17 -12.09 3.38 12.70
N ALA B 18 -12.08 4.34 13.64
CA ALA B 18 -12.70 5.64 13.44
C ALA B 18 -11.71 6.61 12.80
N ILE B 19 -12.12 7.19 11.68
CA ILE B 19 -11.33 8.24 11.02
C ILE B 19 -10.97 9.32 12.04
N PRO B 20 -9.71 9.73 12.15
CA PRO B 20 -9.31 10.74 13.16
C PRO B 20 -9.54 12.18 12.69
N LEU B 21 -10.79 12.61 12.81
CA LEU B 21 -11.22 13.88 12.23
C LEU B 21 -10.50 15.06 12.88
N ARG B 22 -10.29 15.01 14.19
CA ARG B 22 -9.68 16.13 14.89
C ARG B 22 -8.25 16.39 14.44
N LYS B 23 -7.57 15.38 13.91
CA LYS B 23 -6.19 15.51 13.48
C LYS B 23 -6.04 15.48 11.97
N LEU B 24 -7.15 15.43 11.23
CA LEU B 24 -7.14 15.29 9.79
C LEU B 24 -6.69 16.59 9.11
N LYS B 25 -5.81 16.47 8.14
CA LYS B 25 -5.32 17.63 7.40
C LYS B 25 -5.60 17.55 5.91
N THR B 26 -5.39 16.40 5.30
CA THR B 26 -5.60 16.25 3.87
C THR B 26 -5.91 14.79 3.58
N TRP B 27 -6.41 14.53 2.38
CA TRP B 27 -6.68 13.17 1.96
C TRP B 27 -6.45 13.09 0.46
N TYR B 28 -6.19 11.86 0.04
CA TYR B 28 -6.04 11.55 -1.37
C TYR B 28 -6.44 10.10 -1.61
N GLN B 29 -6.79 9.87 -2.88
CA GLN B 29 -7.09 8.56 -3.46
C GLN B 29 -5.85 7.99 -4.15
N THR B 30 -5.43 6.79 -3.75
CA THR B 30 -4.24 6.18 -4.35
C THR B 30 -4.42 5.95 -5.87
N SER B 31 -3.30 5.68 -6.53
CA SER B 31 -3.28 5.44 -7.97
C SER B 31 -4.27 4.37 -8.38
N GLU B 32 -4.80 4.53 -9.60
CA GLU B 32 -5.65 3.52 -10.22
C GLU B 32 -4.89 2.25 -10.55
N ASP B 33 -3.56 2.28 -10.54
CA ASP B 33 -2.75 1.09 -10.76
C ASP B 33 -2.45 0.34 -9.47
N CYS B 34 -2.91 0.83 -8.34
CA CYS B 34 -2.85 0.05 -7.11
C CYS B 34 -3.89 -1.06 -7.17
N SER B 35 -3.54 -2.23 -6.65
CA SER B 35 -4.48 -3.33 -6.68
C SER B 35 -5.70 -3.02 -5.81
N ARG B 36 -5.48 -2.46 -4.62
CA ARG B 36 -6.56 -2.07 -3.72
C ARG B 36 -6.88 -0.59 -3.92
N ASP B 37 -8.10 -0.28 -4.32
CA ASP B 37 -8.54 1.11 -4.38
C ASP B 37 -8.62 1.66 -2.97
N ALA B 38 -8.09 2.86 -2.74
CA ALA B 38 -8.09 3.30 -1.35
C ALA B 38 -8.15 4.81 -1.25
N ILE B 39 -8.66 5.26 -0.11
CA ILE B 39 -8.57 6.64 0.35
C ILE B 39 -7.55 6.67 1.47
N VAL B 40 -6.61 7.60 1.38
CA VAL B 40 -5.59 7.78 2.40
C VAL B 40 -5.86 9.10 3.10
N PHE B 41 -6.08 9.03 4.42
CA PHE B 41 -6.22 10.21 5.26
C PHE B 41 -4.87 10.53 5.89
N VAL B 42 -4.47 11.81 5.85
CA VAL B 42 -3.16 12.24 6.33
C VAL B 42 -3.37 13.18 7.51
N THR B 43 -2.79 12.86 8.66
CA THR B 43 -2.97 13.71 9.82
C THR B 43 -1.98 14.88 9.80
N VAL B 44 -2.16 15.80 10.74
CA VAL B 44 -1.28 16.96 10.84
C VAL B 44 0.15 16.52 11.08
N GLN B 45 0.35 15.47 11.88
CA GLN B 45 1.70 14.95 12.09
C GLN B 45 2.16 14.01 10.98
N GLY B 46 1.38 13.87 9.91
CA GLY B 46 1.82 13.10 8.76
C GLY B 46 1.58 11.60 8.84
N ARG B 47 0.76 11.12 9.76
CA ARG B 47 0.38 9.72 9.71
C ARG B 47 -0.57 9.50 8.54
N ALA B 48 -0.36 8.43 7.79
CA ALA B 48 -1.18 8.13 6.63
C ALA B 48 -1.95 6.85 6.87
N ILE B 49 -3.26 6.88 6.61
CA ILE B 49 -4.21 5.88 7.09
C ILE B 49 -5.05 5.41 5.90
N CYS B 50 -4.87 4.15 5.51
CA CYS B 50 -5.61 3.57 4.39
C CYS B 50 -7.06 3.26 4.75
N SER B 51 -8.01 3.64 3.88
CA SER B 51 -9.43 3.41 4.14
C SER B 51 -10.11 2.88 2.89
N ASP B 52 -11.21 2.16 3.11
CA ASP B 52 -12.03 1.52 2.07
C ASP B 52 -12.95 2.53 1.41
N PRO B 53 -12.73 2.86 0.13
CA PRO B 53 -13.57 3.86 -0.54
C PRO B 53 -15.02 3.45 -0.67
N ASN B 54 -15.36 2.20 -0.41
CA ASN B 54 -16.75 1.77 -0.45
C ASN B 54 -17.41 1.77 0.92
N ASN B 55 -16.66 2.00 1.99
CA ASN B 55 -17.26 2.09 3.31
C ASN B 55 -18.08 3.37 3.43
N LYS B 56 -19.25 3.26 4.07
CA LYS B 56 -20.20 4.37 4.11
C LYS B 56 -19.62 5.58 4.82
N ARG B 57 -18.90 5.38 5.94
CA ARG B 57 -18.31 6.51 6.65
C ARG B 57 -17.19 7.16 5.85
N VAL B 58 -16.45 6.38 5.06
CA VAL B 58 -15.37 6.93 4.26
C VAL B 58 -15.94 7.75 3.10
N LYS B 59 -16.94 7.20 2.41
CA LYS B 59 -17.61 7.91 1.33
C LYS B 59 -18.22 9.23 1.81
N ASN B 60 -18.87 9.23 2.97
CA ASN B 60 -19.44 10.47 3.45
C ASN B 60 -18.36 11.48 3.83
N ALA B 61 -17.26 10.99 4.41
CA ALA B 61 -16.19 11.89 4.81
C ALA B 61 -15.57 12.57 3.60
N VAL B 62 -15.37 11.81 2.51
CA VAL B 62 -14.75 12.43 1.34
C VAL B 62 -15.75 13.29 0.58
N LYS B 63 -17.05 13.09 0.83
CA LYS B 63 -18.06 13.91 0.17
C LYS B 63 -18.13 15.29 0.81
N TYR B 64 -18.22 15.35 2.14
CA TYR B 64 -18.31 16.63 2.79
C TYR B 64 -16.96 17.29 3.02
N LEU B 65 -15.86 16.53 3.02
CA LEU B 65 -14.51 17.10 3.17
C LEU B 65 -13.79 17.21 1.83
N GLN B 66 -14.54 17.50 0.76
CA GLN B 66 -13.97 17.66 -0.57
C GLN B 66 -12.82 18.65 -0.59
N SER B 67 -12.96 19.77 0.12
CA SER B 67 -11.93 20.80 0.07
C SER B 67 -10.61 20.34 0.67
N LEU B 68 -10.57 19.20 1.35
CA LEU B 68 -9.34 18.70 1.94
C LEU B 68 -8.54 17.86 0.96
N GLU B 69 -9.05 17.63 -0.25
CA GLU B 69 -8.44 16.67 -1.14
C GLU B 69 -7.11 17.20 -1.68
N ARG B 70 -6.12 16.31 -1.73
CA ARG B 70 -4.83 16.65 -2.30
C ARG B 70 -4.98 17.09 -3.74
N SER B 71 -4.44 18.28 -4.05
CA SER B 71 -4.46 18.81 -5.41
C SER B 71 -3.19 18.43 -6.17
#